data_3DSM
#
_entry.id   3DSM
#
_cell.length_a   53.731
_cell.length_b   68.328
_cell.length_c   87.783
_cell.angle_alpha   90.00
_cell.angle_beta   90.00
_cell.angle_gamma   90.00
#
_symmetry.space_group_name_H-M   'P 21 21 21'
#
loop_
_entity.id
_entity.type
_entity.pdbx_description
1 polymer 'uncharacterized protein BACUNI_02894'
2 non-polymer 'CHLORIDE ION'
3 water water
#
_entity_poly.entity_id   1
_entity_poly.type   'polypeptide(L)'
_entity_poly.pdbx_seq_one_letter_code
;ASGLFITNEGNFQYSNATLSYYDPATCEVENEVFYRANGFKLGDVAQS(MSE)VIRDGIGWIVVNNSHVIFAIDINTFKE
VGRITGFTSPRYIHFLSDEKAYVTQIWDYRIFIINPKTYEITGYIECPD(MSE)D(MSE)ESGSTEQ(MSE)VQYGKYVY
VNCWSYQNRILKIDTETDKVVDELTIGIQPTSLV(MSE)DKYNK(MSE)WTITDGGYEGSPYGYEAPSLYRIDAETFTVE
KQFKFKLGDWPSEVQLNGTRDTLYWINNDIWR(MSE)PVEADRVPVRPFLEFRDTKYYGLTVNPNNGEVYVADAIDYQQQ
GIVYRYSPQGKLIDEFYVGIIPGAFCWKLEHHHHHH
;
_entity_poly.pdbx_strand_id   A
#
# COMPACT_ATOMS: atom_id res chain seq x y z
N ALA A 1 -8.00 -18.49 -12.95
CA ALA A 1 -8.04 -18.93 -11.53
C ALA A 1 -7.56 -17.81 -10.63
N SER A 2 -8.00 -17.81 -9.36
CA SER A 2 -7.61 -16.78 -8.41
C SER A 2 -6.13 -16.85 -8.09
N GLY A 3 -5.55 -15.69 -7.81
CA GLY A 3 -4.13 -15.62 -7.49
C GLY A 3 -3.74 -14.41 -6.68
N LEU A 4 -2.47 -14.34 -6.32
CA LEU A 4 -1.95 -13.25 -5.53
C LEU A 4 -0.64 -12.73 -6.07
N PHE A 5 -0.57 -11.43 -6.34
CA PHE A 5 0.66 -10.82 -6.81
C PHE A 5 1.39 -10.27 -5.60
N ILE A 6 2.72 -10.31 -5.64
CA ILE A 6 3.56 -9.80 -4.56
C ILE A 6 4.64 -8.95 -5.21
N THR A 7 4.67 -7.64 -4.93
CA THR A 7 5.70 -6.78 -5.50
C THR A 7 6.91 -6.85 -4.56
N ASN A 8 8.11 -6.77 -5.12
CA ASN A 8 9.34 -6.81 -4.34
C ASN A 8 10.17 -5.57 -4.64
N GLU A 9 10.36 -4.74 -3.63
CA GLU A 9 11.12 -3.51 -3.80
C GLU A 9 12.54 -3.71 -4.29
N GLY A 10 13.19 -4.77 -3.83
CA GLY A 10 14.57 -4.99 -4.20
C GLY A 10 15.31 -3.96 -3.38
N ASN A 11 16.53 -3.62 -3.80
CA ASN A 11 17.34 -2.64 -3.08
C ASN A 11 17.44 -1.32 -3.84
N PHE A 12 17.39 -0.21 -3.11
CA PHE A 12 17.46 1.10 -3.74
C PHE A 12 18.71 1.27 -4.60
N GLN A 13 18.51 1.70 -5.84
CA GLN A 13 19.59 1.93 -6.80
C GLN A 13 20.27 0.64 -7.24
N TYR A 14 19.62 -0.49 -7.01
CA TYR A 14 20.16 -1.78 -7.42
C TYR A 14 19.35 -2.33 -8.58
N SER A 15 18.23 -1.66 -8.86
CA SER A 15 17.32 -2.05 -9.94
C SER A 15 17.12 -3.56 -9.97
N ASN A 16 16.79 -4.12 -8.81
CA ASN A 16 16.57 -5.55 -8.71
C ASN A 16 15.17 -5.87 -8.20
N ALA A 17 14.24 -4.94 -8.42
CA ALA A 17 12.85 -5.14 -8.01
C ALA A 17 12.26 -6.22 -8.90
N THR A 18 11.33 -7.00 -8.36
CA THR A 18 10.69 -8.07 -9.13
C THR A 18 9.24 -8.27 -8.75
N LEU A 19 8.54 -9.05 -9.57
CA LEU A 19 7.15 -9.35 -9.34
C LEU A 19 6.96 -10.85 -9.19
N SER A 20 6.20 -11.25 -8.18
CA SER A 20 5.93 -12.66 -7.95
C SER A 20 4.45 -12.91 -8.06
N TYR A 21 4.08 -14.15 -8.38
CA TYR A 21 2.68 -14.53 -8.49
C TYR A 21 2.47 -15.89 -7.80
N TYR A 22 1.57 -15.90 -6.82
CA TYR A 22 1.28 -17.09 -6.04
C TYR A 22 -0.13 -17.62 -6.26
N ASP A 23 -0.26 -18.94 -6.33
CA ASP A 23 -1.55 -19.60 -6.52
C ASP A 23 -1.88 -20.29 -5.19
N PRO A 24 -2.83 -19.72 -4.42
CA PRO A 24 -3.21 -20.28 -3.12
C PRO A 24 -3.78 -21.71 -3.20
N ALA A 25 -4.34 -22.07 -4.35
CA ALA A 25 -4.91 -23.40 -4.52
C ALA A 25 -3.85 -24.47 -4.69
N THR A 26 -2.72 -24.11 -5.30
CA THR A 26 -1.66 -25.07 -5.51
C THR A 26 -0.49 -24.84 -4.57
N CYS A 27 -0.47 -23.67 -3.92
CA CYS A 27 0.59 -23.29 -3.00
C CYS A 27 1.91 -23.17 -3.75
N GLU A 28 1.83 -22.76 -5.01
CA GLU A 28 3.00 -22.61 -5.85
C GLU A 28 3.24 -21.13 -6.18
N VAL A 29 4.50 -20.70 -6.09
CA VAL A 29 4.83 -19.32 -6.39
C VAL A 29 5.80 -19.23 -7.57
N GLU A 30 5.64 -18.19 -8.38
CA GLU A 30 6.53 -17.97 -9.51
C GLU A 30 7.19 -16.63 -9.28
N ASN A 31 8.49 -16.58 -9.45
CA ASN A 31 9.25 -15.34 -9.23
C ASN A 31 9.75 -14.74 -10.53
N GLU A 32 10.00 -13.42 -10.50
CA GLU A 32 10.46 -12.67 -11.67
C GLU A 32 9.51 -12.88 -12.85
N VAL A 33 8.20 -12.87 -12.57
CA VAL A 33 7.21 -13.10 -13.63
C VAL A 33 7.12 -11.96 -14.64
N PHE A 34 7.40 -10.74 -14.21
CA PHE A 34 7.34 -9.61 -15.14
C PHE A 34 8.46 -9.75 -16.16
N TYR A 35 9.67 -9.97 -15.66
CA TYR A 35 10.83 -10.11 -16.55
C TYR A 35 10.70 -11.34 -17.45
N ARG A 36 10.23 -12.45 -16.91
CA ARG A 36 10.09 -13.66 -17.71
C ARG A 36 9.07 -13.49 -18.84
N ALA A 37 8.08 -12.64 -18.62
CA ALA A 37 7.03 -12.43 -19.62
C ALA A 37 7.34 -11.29 -20.60
N ASN A 38 8.15 -10.34 -20.17
CA ASN A 38 8.48 -9.17 -20.97
C ASN A 38 9.89 -9.09 -21.53
N GLY A 39 10.85 -9.73 -20.87
CA GLY A 39 12.20 -9.68 -21.38
C GLY A 39 13.05 -8.53 -20.86
N PHE A 40 12.45 -7.65 -20.07
CA PHE A 40 13.21 -6.55 -19.48
C PHE A 40 12.82 -6.40 -18.02
N LYS A 41 13.73 -5.83 -17.23
CA LYS A 41 13.54 -5.65 -15.80
C LYS A 41 12.41 -4.71 -15.37
N LEU A 42 11.79 -5.04 -14.25
CA LEU A 42 10.69 -4.24 -13.69
C LEU A 42 11.21 -2.86 -13.30
N GLY A 43 12.42 -2.82 -12.76
CA GLY A 43 12.98 -1.53 -12.39
C GLY A 43 13.61 -1.43 -11.02
N ASP A 44 13.45 -0.28 -10.39
CA ASP A 44 14.01 -0.01 -9.08
C ASP A 44 12.90 0.32 -8.09
N VAL A 45 12.84 -0.47 -7.02
CA VAL A 45 11.85 -0.36 -5.95
C VAL A 45 10.39 -0.36 -6.41
N ALA A 46 9.90 -1.56 -6.72
CA ALA A 46 8.50 -1.74 -7.11
C ALA A 46 7.80 -1.40 -5.80
N GLN A 47 6.78 -0.54 -5.86
CA GLN A 47 6.06 -0.04 -4.67
C GLN A 47 4.66 -0.58 -4.36
N SER A 48 3.81 -0.68 -5.38
CA SER A 48 2.45 -1.14 -5.15
C SER A 48 1.81 -1.62 -6.44
N VAL A 50 -2.32 -2.42 -8.39
CA VAL A 50 -3.78 -2.46 -8.38
C VAL A 50 -4.24 -3.20 -9.64
N ILE A 51 -5.37 -3.89 -9.55
CA ILE A 51 -5.91 -4.60 -10.71
C ILE A 51 -7.29 -4.04 -11.03
N ARG A 52 -7.49 -3.70 -12.30
CA ARG A 52 -8.78 -3.15 -12.72
C ARG A 52 -9.16 -3.79 -14.04
N ASP A 53 -10.28 -4.51 -14.04
CA ASP A 53 -10.79 -5.17 -15.24
C ASP A 53 -9.73 -5.86 -16.10
N GLY A 54 -9.16 -6.95 -15.60
CA GLY A 54 -8.17 -7.69 -16.37
C GLY A 54 -6.83 -7.01 -16.61
N ILE A 55 -6.61 -5.85 -16.01
CA ILE A 55 -5.35 -5.14 -16.18
C ILE A 55 -4.71 -4.82 -14.83
N GLY A 56 -3.42 -5.14 -14.70
CA GLY A 56 -2.73 -4.86 -13.46
C GLY A 56 -1.83 -3.66 -13.62
N TRP A 57 -1.91 -2.72 -12.69
CA TRP A 57 -1.07 -1.53 -12.75
C TRP A 57 -0.02 -1.61 -11.64
N ILE A 58 1.23 -1.68 -12.06
CA ILE A 58 2.36 -1.80 -11.13
C ILE A 58 3.13 -0.49 -11.02
N VAL A 59 3.19 0.05 -9.81
CA VAL A 59 3.90 1.30 -9.57
C VAL A 59 5.36 1.00 -9.20
N VAL A 60 6.29 1.56 -9.96
CA VAL A 60 7.72 1.35 -9.70
C VAL A 60 8.28 2.70 -9.26
N ASN A 61 8.32 2.86 -7.94
CA ASN A 61 8.77 4.08 -7.31
C ASN A 61 10.03 4.77 -7.81
N ASN A 62 11.14 4.06 -7.88
CA ASN A 62 12.38 4.69 -8.30
C ASN A 62 12.71 4.51 -9.77
N SER A 63 11.70 4.21 -10.57
CA SER A 63 11.85 4.06 -12.01
C SER A 63 10.95 5.06 -12.72
N HIS A 64 10.26 5.88 -11.94
CA HIS A 64 9.40 6.94 -12.48
C HIS A 64 8.38 6.42 -13.50
N VAL A 65 7.79 5.27 -13.24
CA VAL A 65 6.85 4.70 -14.20
C VAL A 65 5.81 3.77 -13.58
N ILE A 66 4.72 3.56 -14.31
CA ILE A 66 3.67 2.64 -13.91
C ILE A 66 3.44 1.76 -15.13
N PHE A 67 3.53 0.46 -14.91
CA PHE A 67 3.34 -0.53 -15.95
C PHE A 67 1.95 -1.13 -15.91
N ALA A 68 1.35 -1.28 -17.09
CA ALA A 68 0.03 -1.89 -17.19
C ALA A 68 0.28 -3.25 -17.86
N ILE A 69 -0.09 -4.33 -17.17
CA ILE A 69 0.13 -5.66 -17.72
C ILE A 69 -1.13 -6.52 -17.72
N ASP A 70 -1.15 -7.53 -18.58
CA ASP A 70 -2.26 -8.46 -18.65
C ASP A 70 -2.12 -9.35 -17.41
N ILE A 71 -3.13 -9.38 -16.56
CA ILE A 71 -3.07 -10.16 -15.32
C ILE A 71 -2.94 -11.67 -15.51
N ASN A 72 -3.06 -12.13 -16.75
CA ASN A 72 -2.95 -13.56 -17.03
C ASN A 72 -1.62 -13.93 -17.67
N THR A 73 -1.20 -13.16 -18.65
CA THR A 73 0.05 -13.42 -19.35
C THR A 73 1.21 -12.61 -18.77
N PHE A 74 0.88 -11.61 -17.95
CA PHE A 74 1.88 -10.73 -17.34
C PHE A 74 2.57 -9.85 -18.38
N LYS A 75 2.15 -9.95 -19.63
CA LYS A 75 2.75 -9.13 -20.69
C LYS A 75 2.28 -7.68 -20.61
N GLU A 76 3.20 -6.76 -20.86
CA GLU A 76 2.88 -5.34 -20.82
C GLU A 76 1.91 -4.92 -21.92
N VAL A 77 0.90 -4.14 -21.55
CA VAL A 77 -0.07 -3.64 -22.53
C VAL A 77 0.10 -2.13 -22.68
N GLY A 78 0.81 -1.52 -21.73
CA GLY A 78 1.05 -0.10 -21.78
C GLY A 78 1.86 0.36 -20.59
N ARG A 79 2.25 1.64 -20.57
CA ARG A 79 3.02 2.20 -19.47
C ARG A 79 2.94 3.72 -19.46
N ILE A 80 3.13 4.31 -18.28
CA ILE A 80 3.11 5.76 -18.16
C ILE A 80 4.37 6.18 -17.41
N THR A 81 5.17 7.04 -18.05
CA THR A 81 6.39 7.52 -17.44
C THR A 81 6.26 9.00 -17.11
N GLY A 82 7.29 9.57 -16.49
CA GLY A 82 7.24 10.97 -16.15
C GLY A 82 6.94 11.28 -14.69
N PHE A 83 6.65 10.26 -13.89
CA PHE A 83 6.36 10.45 -12.47
C PHE A 83 7.62 10.78 -11.67
N THR A 84 7.50 11.73 -10.76
CA THR A 84 8.62 12.14 -9.91
C THR A 84 9.15 10.98 -9.08
N SER A 85 8.23 10.31 -8.38
CA SER A 85 8.57 9.15 -7.55
C SER A 85 7.23 8.63 -7.06
N PRO A 86 6.50 7.93 -7.95
CA PRO A 86 5.18 7.34 -7.72
C PRO A 86 5.04 6.41 -6.53
N ARG A 87 3.88 6.51 -5.88
CA ARG A 87 3.60 5.72 -4.69
C ARG A 87 2.42 4.78 -4.91
N TYR A 88 1.22 5.35 -5.06
CA TYR A 88 0.02 4.56 -5.27
C TYR A 88 -0.86 5.14 -6.36
N ILE A 89 -1.75 4.32 -6.88
CA ILE A 89 -2.66 4.76 -7.91
C ILE A 89 -4.10 4.43 -7.47
N HIS A 90 -4.99 5.40 -7.67
CA HIS A 90 -6.40 5.24 -7.33
C HIS A 90 -7.24 5.64 -8.53
N PHE A 91 -8.08 4.72 -9.00
CA PHE A 91 -8.93 4.99 -10.15
C PHE A 91 -10.25 5.64 -9.80
N LEU A 92 -10.59 6.68 -10.56
CA LEU A 92 -11.85 7.40 -10.38
C LEU A 92 -12.78 6.95 -11.52
N SER A 93 -12.16 6.55 -12.63
CA SER A 93 -12.88 6.07 -13.82
C SER A 93 -11.87 5.45 -14.77
N ASP A 94 -12.36 4.95 -15.90
CA ASP A 94 -11.51 4.34 -16.92
C ASP A 94 -10.60 5.38 -17.59
N GLU A 95 -10.94 6.66 -17.44
CA GLU A 95 -10.15 7.71 -18.06
C GLU A 95 -9.52 8.68 -17.07
N LYS A 96 -9.67 8.41 -15.78
CA LYS A 96 -9.11 9.30 -14.77
C LYS A 96 -8.68 8.57 -13.51
N ALA A 97 -7.43 8.79 -13.09
CA ALA A 97 -6.89 8.16 -11.89
C ALA A 97 -5.84 9.07 -11.26
N TYR A 98 -5.65 8.96 -9.94
CA TYR A 98 -4.66 9.78 -9.26
C TYR A 98 -3.43 8.93 -8.94
N VAL A 99 -2.26 9.55 -8.96
CA VAL A 99 -1.01 8.87 -8.65
C VAL A 99 -0.24 9.75 -7.67
N THR A 100 -0.13 9.31 -6.42
CA THR A 100 0.59 10.07 -5.39
C THR A 100 2.09 9.99 -5.62
N GLN A 101 2.83 10.88 -4.96
CA GLN A 101 4.28 10.95 -5.14
C GLN A 101 5.02 11.36 -3.87
N ILE A 102 6.31 11.04 -3.82
CA ILE A 102 7.14 11.48 -2.72
C ILE A 102 8.15 12.41 -3.41
N TRP A 103 8.63 13.42 -2.69
CA TRP A 103 9.56 14.40 -3.25
C TRP A 103 8.80 15.28 -4.26
N ASP A 104 7.52 15.51 -4.00
CA ASP A 104 6.69 16.33 -4.87
C ASP A 104 5.48 16.80 -4.07
N TYR A 105 5.01 18.01 -4.36
CA TYR A 105 3.85 18.55 -3.66
C TYR A 105 2.60 18.37 -4.52
N ARG A 106 2.75 17.67 -5.65
CA ARG A 106 1.64 17.45 -6.55
C ARG A 106 1.21 15.99 -6.66
N ILE A 107 -0.08 15.79 -6.89
CA ILE A 107 -0.61 14.44 -7.09
C ILE A 107 -0.90 14.42 -8.58
N PHE A 108 -0.23 13.51 -9.29
CA PHE A 108 -0.39 13.38 -10.73
C PHE A 108 -1.74 12.79 -11.13
N ILE A 109 -2.41 13.44 -12.07
CA ILE A 109 -3.68 12.96 -12.58
C ILE A 109 -3.36 12.37 -13.95
N ILE A 110 -3.90 11.19 -14.23
CA ILE A 110 -3.63 10.55 -15.52
C ILE A 110 -4.89 10.01 -16.18
N ASN A 111 -4.74 9.59 -17.43
CA ASN A 111 -5.82 9.00 -18.21
C ASN A 111 -5.31 7.61 -18.57
N PRO A 112 -5.71 6.59 -17.79
CA PRO A 112 -5.30 5.21 -18.02
C PRO A 112 -5.50 4.68 -19.43
N LYS A 113 -6.56 5.15 -20.09
CA LYS A 113 -6.86 4.70 -21.43
C LYS A 113 -5.89 5.20 -22.49
N THR A 114 -5.39 6.43 -22.30
CA THR A 114 -4.44 7.03 -23.24
C THR A 114 -3.00 6.91 -22.76
N TYR A 115 -2.82 6.40 -21.54
CA TYR A 115 -1.50 6.24 -20.95
C TYR A 115 -0.69 7.54 -20.88
N GLU A 116 -1.30 8.60 -20.37
CA GLU A 116 -0.62 9.88 -20.27
C GLU A 116 -1.05 10.69 -19.04
N ILE A 117 -0.20 11.61 -18.62
CA ILE A 117 -0.47 12.48 -17.48
C ILE A 117 -1.31 13.63 -18.02
N THR A 118 -2.46 13.87 -17.39
CA THR A 118 -3.35 14.93 -17.85
C THR A 118 -3.37 16.18 -16.98
N GLY A 119 -2.90 16.08 -15.75
CA GLY A 119 -2.91 17.23 -14.88
C GLY A 119 -2.25 17.00 -13.54
N TYR A 120 -2.40 17.96 -12.65
CA TYR A 120 -1.80 17.88 -11.33
C TYR A 120 -2.73 18.44 -10.27
N ILE A 121 -2.60 17.93 -9.05
CA ILE A 121 -3.37 18.40 -7.93
C ILE A 121 -2.33 18.94 -6.97
N GLU A 122 -2.29 20.26 -6.82
CA GLU A 122 -1.31 20.88 -5.92
C GLU A 122 -1.74 20.80 -4.45
N CYS A 123 -0.88 20.22 -3.62
CA CYS A 123 -1.18 20.11 -2.20
C CYS A 123 -0.71 21.36 -1.49
N PRO A 124 -1.56 21.91 -0.61
CA PRO A 124 -1.21 23.13 0.13
C PRO A 124 -0.15 22.92 1.21
N ASP A 125 0.64 23.96 1.45
CA ASP A 125 1.68 23.91 2.46
C ASP A 125 2.71 22.78 2.35
N ASP A 127 6.22 21.39 -0.39
CA ASP A 127 7.04 21.61 -1.58
C ASP A 127 7.60 20.33 -2.14
N GLU A 129 10.93 19.54 -2.09
CA GLU A 129 11.99 19.10 -1.19
C GLU A 129 11.58 18.07 -0.15
N SER A 130 10.39 18.23 0.44
CA SER A 130 9.93 17.27 1.45
C SER A 130 8.46 16.87 1.24
N GLY A 131 7.94 17.10 0.04
CA GLY A 131 6.56 16.75 -0.24
C GLY A 131 6.32 15.26 -0.15
N SER A 132 5.08 14.88 0.13
CA SER A 132 4.73 13.47 0.22
C SER A 132 3.24 13.18 0.35
N THR A 133 2.73 12.39 -0.59
CA THR A 133 1.35 11.93 -0.57
C THR A 133 1.53 10.42 -0.74
N GLU A 134 0.72 9.63 -0.03
CA GLU A 134 0.88 8.18 -0.06
C GLU A 134 -0.38 7.39 -0.46
N GLN A 135 -1.06 6.80 0.50
CA GLN A 135 -2.26 6.00 0.20
C GLN A 135 -3.54 6.81 0.10
N VAL A 137 -8.07 6.70 -0.13
CA VAL A 137 -9.32 5.98 0.06
C VAL A 137 -10.39 6.91 -0.51
N GLN A 138 -11.42 6.34 -1.13
CA GLN A 138 -12.47 7.18 -1.68
C GLN A 138 -13.70 7.18 -0.77
N TYR A 139 -14.32 8.35 -0.65
CA TYR A 139 -15.51 8.53 0.16
C TYR A 139 -16.49 9.38 -0.65
N GLY A 140 -17.37 8.72 -1.38
CA GLY A 140 -18.32 9.45 -2.21
C GLY A 140 -17.52 10.18 -3.27
N LYS A 141 -17.76 11.48 -3.41
CA LYS A 141 -17.05 12.28 -4.41
C LYS A 141 -15.69 12.72 -3.89
N TYR A 142 -15.38 12.37 -2.65
CA TYR A 142 -14.11 12.77 -2.07
C TYR A 142 -13.07 11.66 -2.06
N VAL A 143 -11.82 12.06 -2.00
CA VAL A 143 -10.72 11.10 -1.89
C VAL A 143 -9.85 11.63 -0.77
N TYR A 144 -9.56 10.78 0.21
CA TYR A 144 -8.70 11.15 1.32
C TYR A 144 -7.33 10.54 1.07
N VAL A 145 -6.28 11.28 1.43
CA VAL A 145 -4.93 10.78 1.21
C VAL A 145 -4.01 11.13 2.37
N ASN A 146 -3.16 10.19 2.78
CA ASN A 146 -2.24 10.47 3.88
C ASN A 146 -0.92 10.98 3.33
N CYS A 147 -0.34 11.94 4.06
CA CYS A 147 0.93 12.54 3.69
C CYS A 147 1.95 11.97 4.67
N TRP A 148 2.82 11.10 4.18
CA TRP A 148 3.80 10.42 5.01
C TRP A 148 5.15 11.06 5.29
N SER A 149 6.04 11.03 4.30
CA SER A 149 7.38 11.56 4.45
C SER A 149 7.51 13.04 4.81
N TYR A 150 7.96 13.30 6.04
CA TYR A 150 8.14 14.67 6.52
C TYR A 150 6.84 15.46 6.46
N GLN A 151 5.74 14.78 6.74
CA GLN A 151 4.42 15.41 6.76
C GLN A 151 3.67 14.88 7.99
N ASN A 152 2.53 15.49 8.30
CA ASN A 152 1.74 15.08 9.45
C ASN A 152 0.25 15.33 9.26
N ARG A 153 -0.26 15.09 8.06
CA ARG A 153 -1.69 15.31 7.86
C ARG A 153 -2.34 14.43 6.80
N ILE A 154 -3.67 14.47 6.81
CA ILE A 154 -4.50 13.74 5.87
C ILE A 154 -5.12 14.86 5.03
N LEU A 155 -5.17 14.69 3.72
CA LEU A 155 -5.78 15.69 2.86
C LEU A 155 -7.12 15.18 2.35
N LYS A 156 -8.04 16.09 2.08
CA LYS A 156 -9.37 15.78 1.56
C LYS A 156 -9.46 16.39 0.16
N ILE A 157 -9.70 15.55 -0.83
CA ILE A 157 -9.78 15.98 -2.22
C ILE A 157 -11.17 15.84 -2.84
N ASP A 158 -11.61 16.87 -3.57
CA ASP A 158 -12.90 16.84 -4.24
C ASP A 158 -12.62 16.36 -5.66
N THR A 159 -13.04 15.15 -5.98
CA THR A 159 -12.80 14.57 -7.29
C THR A 159 -13.55 15.30 -8.41
N GLU A 160 -14.56 16.07 -8.05
CA GLU A 160 -15.31 16.82 -9.04
C GLU A 160 -14.56 18.07 -9.48
N THR A 161 -13.61 18.52 -8.66
CA THR A 161 -12.82 19.71 -8.98
C THR A 161 -11.31 19.44 -9.01
N ASP A 162 -10.92 18.26 -8.54
CA ASP A 162 -9.52 17.84 -8.48
C ASP A 162 -8.70 18.79 -7.62
N LYS A 163 -9.28 19.25 -6.52
CA LYS A 163 -8.60 20.16 -5.62
C LYS A 163 -8.76 19.73 -4.15
N VAL A 164 -7.76 20.08 -3.35
CA VAL A 164 -7.76 19.79 -1.92
C VAL A 164 -8.72 20.80 -1.30
N VAL A 165 -9.69 20.32 -0.54
CA VAL A 165 -10.68 21.19 0.08
C VAL A 165 -10.60 21.22 1.62
N ASP A 166 -9.82 20.32 2.21
CA ASP A 166 -9.70 20.31 3.66
C ASP A 166 -8.50 19.47 4.07
N GLU A 167 -8.06 19.64 5.32
CA GLU A 167 -6.94 18.87 5.82
C GLU A 167 -7.11 18.63 7.31
N LEU A 168 -6.36 17.67 7.84
CA LEU A 168 -6.41 17.33 9.25
C LEU A 168 -4.99 16.99 9.69
N THR A 169 -4.50 17.69 10.71
CA THR A 169 -3.16 17.46 11.22
C THR A 169 -3.21 16.50 12.39
N ILE A 170 -2.39 15.46 12.33
CA ILE A 170 -2.34 14.47 13.38
C ILE A 170 -0.88 14.19 13.70
N GLY A 171 -0.61 13.00 14.22
CA GLY A 171 0.75 12.64 14.56
C GLY A 171 1.64 12.74 13.34
N ILE A 172 2.95 12.77 13.57
CA ILE A 172 3.88 12.88 12.48
C ILE A 172 3.99 11.61 11.65
N GLN A 173 4.01 11.82 10.35
CA GLN A 173 4.18 10.78 9.36
C GLN A 173 3.21 9.60 9.30
N PRO A 174 1.94 9.86 8.91
CA PRO A 174 0.97 8.78 8.82
C PRO A 174 1.47 7.96 7.62
N THR A 175 1.49 6.64 7.76
CA THR A 175 2.01 5.74 6.74
C THR A 175 1.05 5.14 5.72
N SER A 176 -0.18 4.90 6.15
CA SER A 176 -1.17 4.25 5.30
C SER A 176 -2.58 4.70 5.62
N LEU A 177 -3.55 4.25 4.82
CA LEU A 177 -4.92 4.67 5.03
C LEU A 177 -5.92 3.66 4.46
N VAL A 178 -6.91 3.28 5.28
CA VAL A 178 -7.95 2.35 4.87
C VAL A 178 -9.28 2.82 5.42
N ASP A 180 -13.04 1.56 6.91
CA ASP A 180 -13.83 0.43 7.39
C ASP A 180 -15.28 0.49 6.95
N LYS A 181 -16.05 -0.53 7.32
CA LYS A 181 -17.46 -0.60 6.92
C LYS A 181 -18.37 0.44 7.56
N TYR A 182 -17.86 1.21 8.51
CA TYR A 182 -18.66 2.25 9.16
C TYR A 182 -18.28 3.62 8.62
N ASN A 183 -17.54 3.63 7.52
CA ASN A 183 -17.08 4.88 6.91
C ASN A 183 -16.16 5.66 7.86
N LYS A 184 -15.32 4.89 8.55
CA LYS A 184 -14.32 5.43 9.47
C LYS A 184 -12.97 5.05 8.83
N TRP A 186 -8.77 4.62 8.89
CA TRP A 186 -7.71 4.29 9.83
C TRP A 186 -6.35 4.60 9.24
N THR A 187 -5.48 5.16 10.06
CA THR A 187 -4.12 5.48 9.64
C THR A 187 -3.20 5.29 10.83
N ILE A 188 -1.98 4.85 10.56
CA ILE A 188 -1.02 4.65 11.62
C ILE A 188 0.28 5.35 11.24
N THR A 189 0.85 6.10 12.19
CA THR A 189 2.08 6.83 11.94
C THR A 189 3.27 5.98 12.36
N ASP A 190 4.45 6.32 11.86
CA ASP A 190 5.66 5.58 12.21
C ASP A 190 6.51 6.32 13.24
N GLY A 191 6.04 7.50 13.63
CA GLY A 191 6.74 8.30 14.62
C GLY A 191 8.11 8.84 14.21
N GLY A 192 8.38 8.85 12.91
CA GLY A 192 9.66 9.34 12.45
C GLY A 192 10.81 8.48 12.93
N TYR A 193 11.95 9.10 13.23
CA TYR A 193 13.13 8.37 13.70
C TYR A 193 14.03 9.28 14.51
N GLU A 194 14.87 8.68 15.35
CA GLU A 194 15.79 9.44 16.19
C GLU A 194 16.81 10.18 15.35
N GLY A 195 16.98 11.47 15.64
CA GLY A 195 17.92 12.27 14.90
C GLY A 195 17.28 12.83 13.64
N SER A 196 15.96 12.66 13.53
CA SER A 196 15.22 13.15 12.37
C SER A 196 15.05 14.66 12.42
N PRO A 197 15.28 15.33 11.27
CA PRO A 197 15.15 16.79 11.18
C PRO A 197 13.69 17.22 11.29
N TYR A 198 12.79 16.27 11.07
CA TYR A 198 11.35 16.54 11.14
C TYR A 198 10.80 16.28 12.54
N GLY A 199 11.14 15.11 13.09
CA GLY A 199 10.65 14.78 14.41
C GLY A 199 10.79 13.32 14.79
N TYR A 200 10.67 13.04 16.08
CA TYR A 200 10.76 11.68 16.62
C TYR A 200 9.82 11.64 17.81
N GLU A 201 8.77 10.82 17.71
CA GLU A 201 7.81 10.72 18.80
C GLU A 201 7.15 9.34 18.83
N ALA A 202 6.42 9.07 19.91
CA ALA A 202 5.72 7.80 20.03
C ALA A 202 4.60 7.81 18.97
N PRO A 203 4.57 6.79 18.10
CA PRO A 203 3.57 6.66 17.03
C PRO A 203 2.17 6.33 17.56
N SER A 204 1.16 6.51 16.72
CA SER A 204 -0.22 6.24 17.10
C SER A 204 -1.08 5.72 15.96
N LEU A 205 -2.15 5.02 16.33
CA LEU A 205 -3.12 4.48 15.39
C LEU A 205 -4.34 5.39 15.54
N TYR A 206 -4.85 5.90 14.42
CA TYR A 206 -6.01 6.81 14.46
C TYR A 206 -7.24 6.28 13.75
N ARG A 207 -8.40 6.59 14.32
CA ARG A 207 -9.68 6.22 13.73
C ARG A 207 -10.34 7.58 13.48
N ILE A 208 -10.55 7.91 12.22
CA ILE A 208 -11.12 9.20 11.83
C ILE A 208 -12.42 9.07 11.05
N ASP A 209 -13.43 9.84 11.45
CA ASP A 209 -14.72 9.81 10.78
C ASP A 209 -14.59 10.46 9.40
N ALA A 210 -15.02 9.75 8.35
CA ALA A 210 -14.91 10.27 7.00
C ALA A 210 -15.84 11.45 6.72
N GLU A 211 -17.06 11.38 7.23
CA GLU A 211 -18.04 12.45 7.01
C GLU A 211 -17.66 13.78 7.63
N THR A 212 -17.22 13.75 8.89
CA THR A 212 -16.84 14.97 9.58
C THR A 212 -15.33 15.25 9.56
N PHE A 213 -14.55 14.27 9.12
CA PHE A 213 -13.10 14.39 9.04
C PHE A 213 -12.54 14.73 10.43
N THR A 214 -13.03 14.03 11.45
CA THR A 214 -12.59 14.25 12.82
C THR A 214 -12.08 12.97 13.48
N VAL A 215 -11.06 13.12 14.31
CA VAL A 215 -10.46 12.00 15.04
C VAL A 215 -11.42 11.51 16.12
N GLU A 216 -11.71 10.21 16.12
CA GLU A 216 -12.62 9.67 17.13
C GLU A 216 -11.86 8.83 18.15
N LYS A 217 -10.80 8.17 17.71
CA LYS A 217 -9.98 7.33 18.57
C LYS A 217 -8.50 7.50 18.24
N GLN A 218 -7.65 7.43 19.25
CA GLN A 218 -6.22 7.53 19.07
C GLN A 218 -5.55 6.55 20.03
N PHE A 219 -4.83 5.59 19.48
CA PHE A 219 -4.13 4.60 20.29
C PHE A 219 -2.65 4.86 20.12
N LYS A 220 -2.03 5.41 21.15
CA LYS A 220 -0.60 5.74 21.10
C LYS A 220 0.25 4.56 21.53
N PHE A 221 1.41 4.40 20.89
CA PHE A 221 2.29 3.30 21.21
C PHE A 221 3.57 3.75 21.92
N LYS A 222 4.60 2.93 21.86
CA LYS A 222 5.86 3.24 22.54
C LYS A 222 6.89 3.91 21.64
N LEU A 223 7.66 4.81 22.22
CA LEU A 223 8.70 5.52 21.49
C LEU A 223 9.71 4.50 20.99
N GLY A 224 10.08 4.61 19.71
CA GLY A 224 11.03 3.66 19.15
C GLY A 224 10.36 2.72 18.16
N ASP A 225 9.04 2.55 18.27
CA ASP A 225 8.32 1.68 17.35
C ASP A 225 8.21 2.37 15.99
N TRP A 226 8.19 1.57 14.93
CA TRP A 226 8.05 2.12 13.59
C TRP A 226 6.95 1.32 12.87
N PRO A 227 5.71 1.43 13.35
CA PRO A 227 4.56 0.73 12.77
C PRO A 227 4.20 1.18 11.36
N SER A 228 3.37 0.39 10.69
CA SER A 228 2.96 0.70 9.33
C SER A 228 1.97 -0.32 8.78
N GLU A 229 1.58 -0.09 7.53
CA GLU A 229 0.69 -0.98 6.79
C GLU A 229 -0.64 -1.39 7.39
N VAL A 230 -1.52 -0.42 7.65
CA VAL A 230 -2.84 -0.78 8.16
C VAL A 230 -3.48 -1.53 6.98
N GLN A 231 -4.19 -2.61 7.30
CA GLN A 231 -4.88 -3.44 6.31
C GLN A 231 -6.20 -3.92 6.90
N LEU A 232 -7.21 -4.12 6.05
CA LEU A 232 -8.52 -4.59 6.50
C LEU A 232 -8.88 -5.92 5.86
N ASN A 233 -9.78 -6.67 6.50
CA ASN A 233 -10.21 -7.94 5.94
C ASN A 233 -11.34 -7.62 4.95
N GLY A 234 -11.89 -8.65 4.30
CA GLY A 234 -12.94 -8.45 3.32
C GLY A 234 -14.16 -7.64 3.76
N THR A 235 -14.67 -7.94 4.96
CA THR A 235 -15.85 -7.23 5.47
C THR A 235 -15.51 -5.87 6.07
N ARG A 236 -14.23 -5.53 6.05
CA ARG A 236 -13.74 -4.25 6.57
C ARG A 236 -14.13 -3.97 8.02
N ASP A 237 -14.09 -5.00 8.86
CA ASP A 237 -14.43 -4.83 10.26
C ASP A 237 -13.34 -5.35 11.19
N THR A 238 -12.25 -5.82 10.61
CA THR A 238 -11.10 -6.30 11.38
C THR A 238 -9.87 -5.66 10.76
N LEU A 239 -9.19 -4.85 11.57
CA LEU A 239 -8.00 -4.13 11.14
C LEU A 239 -6.72 -4.82 11.56
N TYR A 240 -5.75 -4.84 10.65
CA TYR A 240 -4.45 -5.43 10.88
C TYR A 240 -3.39 -4.38 10.59
N TRP A 241 -2.22 -4.53 11.20
CA TRP A 241 -1.12 -3.61 10.95
C TRP A 241 0.19 -4.22 11.44
N ILE A 242 1.29 -3.55 11.15
CA ILE A 242 2.61 -4.04 11.54
C ILE A 242 3.24 -3.12 12.60
N ASN A 243 3.81 -3.74 13.63
CA ASN A 243 4.50 -3.04 14.71
C ASN A 243 5.29 -4.16 15.39
N ASN A 244 6.40 -4.53 14.76
CA ASN A 244 7.27 -5.62 15.21
C ASN A 244 6.47 -6.90 14.96
N ASP A 245 5.38 -7.06 15.71
CA ASP A 245 4.48 -8.21 15.57
C ASP A 245 3.42 -7.79 14.55
N ILE A 246 2.57 -8.74 14.16
CA ILE A 246 1.46 -8.42 13.27
C ILE A 246 0.27 -8.29 14.23
N TRP A 247 -0.35 -7.11 14.28
CA TRP A 247 -1.49 -6.89 15.18
C TRP A 247 -2.83 -6.86 14.46
N ARG A 248 -3.90 -7.09 15.21
CA ARG A 248 -5.25 -7.03 14.65
C ARG A 248 -6.23 -6.64 15.74
N PRO A 250 -10.77 -5.51 16.28
CA PRO A 250 -12.08 -5.25 15.67
C PRO A 250 -12.14 -3.74 15.50
N VAL A 251 -12.73 -3.24 14.42
CA VAL A 251 -12.79 -1.78 14.23
C VAL A 251 -13.67 -1.07 15.25
N GLU A 252 -14.48 -1.84 15.97
CA GLU A 252 -15.36 -1.26 16.98
C GLU A 252 -14.75 -1.29 18.38
N ALA A 253 -13.57 -1.88 18.51
CA ALA A 253 -12.92 -1.99 19.82
C ALA A 253 -12.50 -0.65 20.41
N ASP A 254 -12.43 -0.58 21.73
CA ASP A 254 -12.04 0.63 22.42
C ASP A 254 -10.58 0.58 22.85
N ARG A 255 -9.88 -0.48 22.47
CA ARG A 255 -8.47 -0.59 22.81
C ARG A 255 -7.79 -1.63 21.95
N VAL A 256 -6.47 -1.53 21.85
CA VAL A 256 -5.68 -2.47 21.08
C VAL A 256 -5.46 -3.71 21.95
N PRO A 257 -5.71 -4.90 21.40
CA PRO A 257 -5.52 -6.14 22.17
C PRO A 257 -4.11 -6.23 22.77
N VAL A 258 -3.97 -6.92 23.89
CA VAL A 258 -2.67 -7.08 24.54
C VAL A 258 -1.83 -8.09 23.78
N ARG A 259 -2.48 -9.04 23.13
CA ARG A 259 -1.77 -10.06 22.36
C ARG A 259 -1.88 -9.78 20.87
N PRO A 260 -0.81 -10.05 20.11
CA PRO A 260 -0.82 -9.83 18.67
C PRO A 260 -1.37 -11.02 17.90
N PHE A 261 -1.55 -10.85 16.59
CA PHE A 261 -2.04 -11.91 15.73
C PHE A 261 -0.87 -12.86 15.42
N LEU A 262 0.28 -12.28 15.09
CA LEU A 262 1.49 -13.07 14.78
C LEU A 262 2.66 -12.44 15.51
N GLU A 263 3.26 -13.20 16.42
CA GLU A 263 4.40 -12.70 17.19
C GLU A 263 5.65 -12.40 16.36
N PHE A 264 6.41 -11.43 16.84
CA PHE A 264 7.68 -10.99 16.27
C PHE A 264 8.59 -12.21 16.33
N ARG A 265 9.44 -12.41 15.34
CA ARG A 265 10.35 -13.56 15.33
C ARG A 265 11.78 -13.14 14.95
N ASP A 266 12.18 -11.96 15.40
CA ASP A 266 13.51 -11.42 15.13
C ASP A 266 13.83 -11.26 13.65
N THR A 267 12.80 -11.04 12.84
CA THR A 267 13.00 -10.82 11.42
C THR A 267 12.48 -9.42 11.10
N LYS A 268 11.93 -9.24 9.91
CA LYS A 268 11.44 -7.93 9.51
C LYS A 268 10.13 -7.94 8.74
N TYR A 269 9.01 -8.06 9.47
CA TYR A 269 7.70 -8.05 8.86
C TYR A 269 7.64 -6.70 8.16
N TYR A 270 7.36 -6.72 6.85
CA TYR A 270 7.35 -5.52 6.03
C TYR A 270 6.08 -5.25 5.21
N GLY A 271 5.49 -6.30 4.65
CA GLY A 271 4.28 -6.14 3.86
C GLY A 271 3.14 -6.94 4.46
N LEU A 272 1.90 -6.62 4.14
CA LEU A 272 0.77 -7.32 4.74
C LEU A 272 -0.49 -7.25 3.90
N THR A 273 -1.30 -8.30 3.97
CA THR A 273 -2.56 -8.31 3.26
C THR A 273 -3.46 -9.40 3.80
N VAL A 274 -4.75 -9.24 3.56
CA VAL A 274 -5.74 -10.20 4.00
C VAL A 274 -6.58 -10.61 2.80
N ASN A 275 -6.76 -11.92 2.64
CA ASN A 275 -7.57 -12.43 1.54
C ASN A 275 -9.00 -11.95 1.83
N PRO A 276 -9.59 -11.17 0.90
CA PRO A 276 -10.95 -10.64 1.05
C PRO A 276 -12.08 -11.66 1.04
N ASN A 277 -11.79 -12.88 0.63
CA ASN A 277 -12.81 -13.92 0.60
C ASN A 277 -12.80 -14.88 1.77
N ASN A 278 -11.62 -15.33 2.18
CA ASN A 278 -11.53 -16.28 3.29
C ASN A 278 -10.85 -15.77 4.54
N GLY A 279 -10.35 -14.53 4.51
CA GLY A 279 -9.71 -13.96 5.69
C GLY A 279 -8.29 -14.40 5.98
N GLU A 280 -7.71 -15.23 5.13
CA GLU A 280 -6.35 -15.67 5.34
C GLU A 280 -5.43 -14.47 5.30
N VAL A 281 -4.47 -14.46 6.21
CA VAL A 281 -3.53 -13.36 6.34
C VAL A 281 -2.15 -13.69 5.78
N TYR A 282 -1.65 -12.83 4.90
CA TYR A 282 -0.34 -13.02 4.29
C TYR A 282 0.61 -11.95 4.83
N VAL A 283 1.75 -12.39 5.34
CA VAL A 283 2.76 -11.49 5.89
C VAL A 283 4.04 -11.59 5.06
N ALA A 284 4.50 -10.45 4.55
CA ALA A 284 5.73 -10.42 3.76
C ALA A 284 6.86 -10.05 4.71
N ASP A 285 7.80 -10.97 4.85
CA ASP A 285 8.95 -10.82 5.75
C ASP A 285 10.19 -10.48 4.93
N ALA A 286 10.73 -9.29 5.16
CA ALA A 286 11.94 -8.83 4.47
C ALA A 286 13.20 -9.50 5.05
N ILE A 287 13.02 -10.22 6.16
CA ILE A 287 14.12 -10.91 6.84
C ILE A 287 15.19 -9.98 7.36
N ASP A 288 16.03 -9.45 6.46
CA ASP A 288 17.10 -8.54 6.85
C ASP A 288 17.34 -7.49 5.77
N TYR A 289 16.37 -7.35 4.87
CA TYR A 289 16.44 -6.39 3.75
C TYR A 289 17.56 -6.72 2.77
N GLN A 290 18.17 -7.89 2.91
CA GLN A 290 19.26 -8.28 2.03
C GLN A 290 18.97 -9.55 1.25
N GLN A 291 18.79 -10.65 1.97
CA GLN A 291 18.53 -11.93 1.33
C GLN A 291 17.14 -12.00 0.73
N GLN A 292 16.85 -13.10 0.05
CA GLN A 292 15.55 -13.31 -0.57
C GLN A 292 14.48 -13.30 0.52
N GLY A 293 13.40 -12.56 0.27
CA GLY A 293 12.32 -12.48 1.25
C GLY A 293 11.38 -13.67 1.26
N ILE A 294 10.55 -13.77 2.28
CA ILE A 294 9.62 -14.88 2.38
C ILE A 294 8.23 -14.40 2.78
N VAL A 295 7.22 -15.10 2.29
CA VAL A 295 5.85 -14.76 2.63
C VAL A 295 5.19 -15.89 3.40
N TYR A 296 4.55 -15.52 4.50
CA TYR A 296 3.85 -16.45 5.38
C TYR A 296 2.35 -16.34 5.17
N ARG A 297 1.69 -17.49 5.04
CA ARG A 297 0.25 -17.55 4.85
C ARG A 297 -0.40 -18.21 6.06
N TYR A 298 -1.22 -17.43 6.77
CA TYR A 298 -1.90 -17.92 7.97
C TYR A 298 -3.43 -17.91 7.83
N SER A 299 -4.08 -18.82 8.54
CA SER A 299 -5.53 -18.87 8.51
C SER A 299 -5.99 -17.75 9.44
N PRO A 300 -7.29 -17.39 9.39
CA PRO A 300 -7.86 -16.34 10.23
C PRO A 300 -7.66 -16.65 11.71
N GLN A 301 -7.53 -17.93 12.03
CA GLN A 301 -7.33 -18.36 13.42
C GLN A 301 -5.85 -18.28 13.80
N GLY A 302 -5.01 -17.95 12.82
CA GLY A 302 -3.59 -17.83 13.09
C GLY A 302 -2.78 -19.11 12.92
N LYS A 303 -3.30 -20.05 12.12
CA LYS A 303 -2.58 -21.29 11.88
C LYS A 303 -1.74 -21.17 10.61
N LEU A 304 -0.48 -21.58 10.68
CA LEU A 304 0.40 -21.51 9.52
C LEU A 304 -0.08 -22.48 8.44
N ILE A 305 -0.41 -21.93 7.28
CA ILE A 305 -0.88 -22.72 6.14
C ILE A 305 0.23 -23.01 5.13
N ASP A 306 1.06 -22.01 4.85
CA ASP A 306 2.13 -22.21 3.89
C ASP A 306 3.09 -21.03 3.95
N GLU A 307 4.24 -21.19 3.33
CA GLU A 307 5.24 -20.14 3.27
C GLU A 307 5.98 -20.34 1.97
N PHE A 308 6.42 -19.25 1.36
CA PHE A 308 7.12 -19.33 0.09
C PHE A 308 8.05 -18.16 -0.13
N TYR A 309 9.21 -18.44 -0.72
CA TYR A 309 10.19 -17.40 -1.00
C TYR A 309 9.82 -16.58 -2.24
N VAL A 310 9.96 -15.27 -2.12
CA VAL A 310 9.63 -14.40 -3.22
C VAL A 310 10.88 -13.65 -3.72
N GLY A 311 10.80 -12.32 -3.76
CA GLY A 311 11.93 -11.55 -4.19
C GLY A 311 12.58 -10.84 -3.02
N ILE A 312 13.37 -9.81 -3.30
CA ILE A 312 14.04 -9.04 -2.27
C ILE A 312 13.11 -7.95 -1.75
N ILE A 313 12.95 -7.91 -0.44
CA ILE A 313 12.12 -6.93 0.22
C ILE A 313 10.68 -6.86 -0.32
N PRO A 314 9.92 -7.96 -0.17
CA PRO A 314 8.54 -7.94 -0.65
C PRO A 314 7.79 -6.97 0.27
N GLY A 315 7.05 -6.02 -0.31
CA GLY A 315 6.37 -5.06 0.53
C GLY A 315 4.91 -4.77 0.24
N ALA A 316 4.39 -5.30 -0.87
CA ALA A 316 3.00 -5.05 -1.23
C ALA A 316 2.33 -6.23 -1.92
N PHE A 317 1.01 -6.32 -1.78
CA PHE A 317 0.26 -7.40 -2.39
C PHE A 317 -0.86 -6.87 -3.28
N CYS A 318 -1.34 -7.72 -4.19
CA CYS A 318 -2.47 -7.35 -5.04
C CYS A 318 -3.16 -8.65 -5.41
N TRP A 319 -4.42 -8.74 -5.01
CA TRP A 319 -5.24 -9.91 -5.26
C TRP A 319 -5.84 -9.93 -6.65
N LYS A 320 -5.79 -11.10 -7.29
CA LYS A 320 -6.38 -11.27 -8.60
C LYS A 320 -7.57 -12.18 -8.34
N LEU A 321 -8.73 -11.58 -8.15
CA LEU A 321 -9.95 -12.31 -7.87
C LEU A 321 -10.77 -12.52 -9.13
N GLU A 322 -11.31 -13.72 -9.28
CA GLU A 322 -12.10 -14.06 -10.46
C GLU A 322 -13.47 -13.40 -10.42
N HIS A 323 -13.86 -12.80 -11.54
CA HIS A 323 -15.16 -12.16 -11.67
C HIS A 323 -15.39 -11.75 -13.12
N HIS A 324 -16.65 -11.57 -13.49
CA HIS A 324 -17.00 -11.19 -14.84
C HIS A 324 -17.05 -9.67 -14.98
N HIS A 325 -16.27 -9.14 -15.92
CA HIS A 325 -16.22 -7.70 -16.17
C HIS A 325 -17.47 -7.28 -16.94
N HIS A 326 -17.84 -6.01 -16.82
CA HIS A 326 -19.02 -5.47 -17.51
C HIS A 326 -18.65 -5.11 -18.95
N HIS A 327 -19.66 -5.04 -19.82
CA HIS A 327 -19.46 -4.71 -21.23
C HIS A 327 -20.11 -3.38 -21.58
#